data_5O0B
#
_entry.id   5O0B
#
_cell.length_a   76.069
_cell.length_b   125.171
_cell.length_c   119.435
_cell.angle_alpha   90.000
_cell.angle_beta   90.000
_cell.angle_gamma   90.000
#
_symmetry.space_group_name_H-M   'C 2 2 21'
#
loop_
_entity.id
_entity.type
_entity.pdbx_description
1 polymer 'Phosphopantetheine adenylyltransferase'
2 non-polymer '3-bromanyl-1~{H}-indazole-5-carboxylic acid'
3 water water
#
_entity_poly.entity_id   1
_entity_poly.type   'polypeptide(L)'
_entity_poly.pdbx_seq_one_letter_code
;SMTGAVCPGSFDPVTLGHLDVFERAAAQFDEVIVAVLINPNKAGMFTVDERIEMIRESTADLPNLRVESGQGLLVDFVRE
RGLNAIVKGLRTGTDFEYELQMAQMNKHIAGVDTFFVATAPAYSFVSSSLAKEVATYGGDVSALLPASVHQRLLGKLRGQ
AQ
;
_entity_poly.pdbx_strand_id   A,B,C
#
# COMPACT_ATOMS: atom_id res chain seq x y z
N MET A 2 17.38 -22.24 26.32
CA MET A 2 16.58 -23.23 25.60
C MET A 2 15.54 -22.53 24.70
N THR A 3 14.73 -21.64 25.28
CA THR A 3 13.78 -20.86 24.47
C THR A 3 14.52 -19.88 23.57
N GLY A 4 13.93 -19.53 22.43
CA GLY A 4 14.59 -18.55 21.56
C GLY A 4 13.72 -18.01 20.46
N ALA A 5 14.08 -16.86 19.92
CA ALA A 5 13.29 -16.27 18.84
C ALA A 5 14.15 -15.52 17.86
N VAL A 6 13.69 -15.42 16.63
CA VAL A 6 14.34 -14.64 15.59
C VAL A 6 13.56 -13.36 15.36
N CYS A 7 14.27 -12.23 15.35
CA CYS A 7 13.68 -10.93 15.02
CA CYS A 7 13.67 -10.96 15.00
C CYS A 7 14.17 -10.48 13.63
N PRO A 8 13.33 -10.61 12.60
CA PRO A 8 13.80 -10.34 11.23
C PRO A 8 13.45 -8.95 10.69
N GLY A 9 14.25 -8.50 9.75
CA GLY A 9 13.95 -7.26 9.07
C GLY A 9 15.10 -6.89 8.13
N SER A 10 14.90 -5.79 7.39
CA SER A 10 15.97 -5.26 6.56
CA SER A 10 15.96 -5.21 6.56
C SER A 10 16.92 -4.41 7.40
N PHE A 11 16.40 -3.77 8.46
CA PHE A 11 17.14 -2.87 9.36
C PHE A 11 18.10 -1.94 8.58
N ASP A 12 17.51 -1.20 7.66
CA ASP A 12 18.24 -0.33 6.74
C ASP A 12 17.82 1.14 6.84
N PRO A 13 18.11 1.80 7.98
CA PRO A 13 18.85 1.31 9.14
C PRO A 13 17.95 0.93 10.29
N VAL A 14 18.53 0.29 11.29
CA VAL A 14 17.81 -0.01 12.52
C VAL A 14 17.31 1.31 13.16
N THR A 15 16.11 1.28 13.75
CA THR A 15 15.53 2.47 14.40
C THR A 15 15.33 2.24 15.89
N LEU A 16 14.89 3.28 16.60
CA LEU A 16 14.61 3.10 18.02
C LEU A 16 13.40 2.22 18.25
N GLY A 17 12.48 2.18 17.29
CA GLY A 17 11.37 1.24 17.35
C GLY A 17 11.84 -0.21 17.29
N HIS A 18 12.76 -0.50 16.37
CA HIS A 18 13.33 -1.86 16.29
C HIS A 18 14.04 -2.22 17.57
N LEU A 19 14.80 -1.28 18.11
CA LEU A 19 15.60 -1.59 19.29
C LEU A 19 14.69 -1.93 20.47
N ASP A 20 13.55 -1.24 20.56
CA ASP A 20 12.57 -1.53 21.60
C ASP A 20 12.08 -2.96 21.50
N VAL A 21 11.78 -3.40 20.29
CA VAL A 21 11.38 -4.78 20.06
C VAL A 21 12.50 -5.77 20.47
N PHE A 22 13.73 -5.50 20.06
CA PHE A 22 14.86 -6.35 20.47
C PHE A 22 14.94 -6.52 21.98
N GLU A 23 14.86 -5.42 22.72
CA GLU A 23 14.97 -5.43 24.17
C GLU A 23 13.84 -6.24 24.81
N ARG A 24 12.63 -6.09 24.28
CA ARG A 24 11.49 -6.81 24.82
C ARG A 24 11.57 -8.30 24.52
N ALA A 25 12.07 -8.66 23.33
CA ALA A 25 12.24 -10.07 23.01
C ALA A 25 13.32 -10.69 23.89
N ALA A 26 14.43 -9.96 24.07
CA ALA A 26 15.55 -10.47 24.85
C ALA A 26 15.20 -10.63 26.34
N ALA A 27 14.24 -9.85 26.81
CA ALA A 27 13.80 -9.98 28.20
C ALA A 27 12.97 -11.24 28.38
N GLN A 28 12.39 -11.76 27.30
CA GLN A 28 11.42 -12.85 27.44
C GLN A 28 11.83 -14.20 26.85
N PHE A 29 12.93 -14.23 26.10
CA PHE A 29 13.43 -15.45 25.46
CA PHE A 29 13.41 -15.50 25.58
C PHE A 29 14.88 -15.68 25.88
N ASP A 30 15.32 -16.93 26.01
CA ASP A 30 16.69 -17.20 26.44
C ASP A 30 17.71 -16.66 25.44
N GLU A 31 17.43 -16.82 24.16
CA GLU A 31 18.29 -16.23 23.12
C GLU A 31 17.46 -15.53 22.05
N VAL A 32 18.00 -14.43 21.52
CA VAL A 32 17.35 -13.73 20.42
C VAL A 32 18.36 -13.55 19.32
N ILE A 33 17.95 -13.90 18.10
CA ILE A 33 18.79 -13.63 16.94
C ILE A 33 18.13 -12.58 16.07
N VAL A 34 18.84 -11.49 15.84
CA VAL A 34 18.37 -10.47 14.91
C VAL A 34 18.80 -10.91 13.52
N ALA A 35 17.84 -11.15 12.62
CA ALA A 35 18.17 -11.60 11.27
C ALA A 35 18.08 -10.44 10.30
N VAL A 36 19.22 -10.03 9.79
CA VAL A 36 19.23 -8.96 8.79
C VAL A 36 19.03 -9.64 7.44
N LEU A 37 17.85 -9.49 6.86
CA LEU A 37 17.52 -10.21 5.64
C LEU A 37 17.78 -9.33 4.44
N ILE A 38 18.58 -9.87 3.51
CA ILE A 38 19.11 -9.12 2.38
C ILE A 38 18.44 -9.58 1.11
N ASN A 39 18.13 -8.63 0.23
CA ASN A 39 17.73 -8.96 -1.13
C ASN A 39 18.94 -8.76 -2.01
N PRO A 40 19.49 -9.86 -2.54
CA PRO A 40 20.72 -9.79 -3.33
C PRO A 40 20.48 -9.08 -4.67
N ASN A 41 19.23 -8.78 -4.98
CA ASN A 41 18.88 -8.11 -6.23
C ASN A 41 18.54 -6.62 -6.06
N LYS A 42 18.58 -6.12 -4.84
CA LYS A 42 18.37 -4.69 -4.63
C LYS A 42 19.16 -4.17 -3.42
N ALA A 43 20.16 -3.35 -3.70
CA ALA A 43 20.94 -2.74 -2.64
C ALA A 43 20.08 -1.77 -1.85
N GLY A 44 20.26 -1.75 -0.54
CA GLY A 44 19.61 -0.73 0.26
C GLY A 44 20.54 0.45 0.41
N MET A 45 20.27 1.29 1.38
CA MET A 45 21.16 2.40 1.66
C MET A 45 22.48 1.95 2.28
N PHE A 46 22.39 0.99 3.20
CA PHE A 46 23.55 0.50 3.93
C PHE A 46 23.90 -0.93 3.51
N THR A 47 25.19 -1.22 3.45
CA THR A 47 25.67 -2.60 3.22
C THR A 47 25.33 -3.49 4.41
N VAL A 48 25.38 -4.80 4.21
CA VAL A 48 25.10 -5.74 5.28
CA VAL A 48 25.08 -5.74 5.28
C VAL A 48 26.01 -5.51 6.48
N ASP A 49 27.29 -5.29 6.20
CA ASP A 49 28.25 -5.11 7.26
C ASP A 49 27.92 -3.86 8.07
N GLU A 50 27.54 -2.79 7.39
CA GLU A 50 27.16 -1.55 8.07
C GLU A 50 25.90 -1.78 8.93
N ARG A 51 24.91 -2.49 8.39
CA ARG A 51 23.66 -2.71 9.14
C ARG A 51 23.92 -3.49 10.43
N ILE A 52 24.76 -4.53 10.33
CA ILE A 52 25.08 -5.35 11.48
C ILE A 52 25.84 -4.56 12.52
N GLU A 53 26.80 -3.76 12.07
CA GLU A 53 27.59 -2.94 12.96
C GLU A 53 26.71 -1.95 13.74
N MET A 54 25.75 -1.34 13.05
CA MET A 54 24.86 -0.38 13.71
C MET A 54 24.00 -1.07 14.76
N ILE A 55 23.54 -2.28 14.44
CA ILE A 55 22.74 -3.02 15.42
C ILE A 55 23.57 -3.45 16.62
N ARG A 56 24.76 -3.98 16.39
CA ARG A 56 25.60 -4.41 17.51
C ARG A 56 25.96 -3.27 18.45
N GLU A 57 26.27 -2.11 17.88
CA GLU A 57 26.67 -0.97 18.69
C GLU A 57 25.55 -0.50 19.60
N SER A 58 24.30 -0.71 19.19
CA SER A 58 23.17 -0.26 20.00
C SER A 58 22.52 -1.37 20.84
N THR A 59 23.06 -2.58 20.78
CA THR A 59 22.53 -3.69 21.60
C THR A 59 23.60 -4.30 22.51
N ALA A 60 24.67 -3.57 22.77
CA ALA A 60 25.78 -4.09 23.56
C ALA A 60 25.36 -4.45 24.99
N ASP A 61 24.24 -3.88 25.44
CA ASP A 61 23.71 -4.16 26.78
C ASP A 61 22.76 -5.37 26.82
N LEU A 62 22.62 -6.06 25.70
CA LEU A 62 21.76 -7.25 25.64
C LEU A 62 22.61 -8.49 25.37
N PRO A 63 23.04 -9.18 26.44
CA PRO A 63 24.01 -10.27 26.34
C PRO A 63 23.48 -11.54 25.67
N ASN A 64 22.17 -11.73 25.63
CA ASN A 64 21.59 -12.92 25.00
C ASN A 64 21.08 -12.65 23.58
N LEU A 65 21.54 -11.56 23.00
CA LEU A 65 21.16 -11.24 21.62
C LEU A 65 22.36 -11.31 20.68
N ARG A 66 22.17 -11.90 19.50
CA ARG A 66 23.20 -11.82 18.48
C ARG A 66 22.60 -11.45 17.15
N VAL A 67 23.47 -11.04 16.22
CA VAL A 67 23.03 -10.48 14.94
C VAL A 67 23.66 -11.26 13.79
N GLU A 68 22.85 -11.77 12.88
CA GLU A 68 23.31 -12.52 11.71
C GLU A 68 22.55 -12.08 10.46
N SER A 69 23.15 -12.22 9.28
CA SER A 69 22.43 -11.88 8.07
C SER A 69 21.98 -13.15 7.37
N GLY A 70 21.03 -13.00 6.46
CA GLY A 70 20.58 -14.12 5.66
C GLY A 70 19.79 -13.65 4.46
N GLN A 71 19.33 -14.60 3.67
CA GLN A 71 18.48 -14.30 2.51
C GLN A 71 17.64 -15.52 2.21
N GLY A 72 16.67 -15.38 1.32
CA GLY A 72 15.80 -16.51 1.01
C GLY A 72 14.68 -16.58 2.03
N LEU A 73 14.15 -17.79 2.26
CA LEU A 73 13.01 -17.97 3.18
C LEU A 73 13.42 -17.79 4.63
N LEU A 74 12.72 -16.89 5.32
CA LEU A 74 12.96 -16.70 6.75
C LEU A 74 12.80 -18.01 7.53
N VAL A 75 11.81 -18.84 7.18
CA VAL A 75 11.57 -20.05 7.97
C VAL A 75 12.78 -20.99 7.89
N ASP A 76 13.52 -20.94 6.78
CA ASP A 76 14.75 -21.71 6.68
C ASP A 76 15.83 -21.19 7.65
N PHE A 77 16.01 -19.88 7.69
CA PHE A 77 16.93 -19.26 8.65
C PHE A 77 16.58 -19.68 10.07
N VAL A 78 15.29 -19.64 10.41
CA VAL A 78 14.85 -19.99 11.75
C VAL A 78 15.12 -21.47 12.10
N ARG A 79 14.70 -22.40 11.24
CA ARG A 79 14.79 -23.82 11.53
C ARG A 79 16.25 -24.32 11.53
N GLU A 80 17.09 -23.75 10.68
CA GLU A 80 18.50 -24.15 10.62
C GLU A 80 19.21 -23.84 11.94
N ARG A 81 18.64 -22.94 12.75
CA ARG A 81 19.21 -22.64 14.05
C ARG A 81 18.49 -23.36 15.20
N GLY A 82 17.64 -24.32 14.84
CA GLY A 82 17.01 -25.12 15.87
C GLY A 82 15.89 -24.39 16.58
N LEU A 83 15.41 -23.32 15.96
CA LEU A 83 14.38 -22.49 16.57
C LEU A 83 13.06 -22.66 15.84
N ASN A 84 12.00 -22.14 16.44
CA ASN A 84 10.69 -22.29 15.86
C ASN A 84 9.81 -21.06 16.07
N ALA A 85 10.41 -19.92 16.38
CA ALA A 85 9.65 -18.71 16.68
C ALA A 85 10.25 -17.46 16.05
N ILE A 86 9.35 -16.65 15.52
CA ILE A 86 9.63 -15.32 15.00
C ILE A 86 8.98 -14.27 15.90
N VAL A 87 9.72 -13.23 16.28
CA VAL A 87 9.14 -12.11 17.02
C VAL A 87 9.26 -10.81 16.20
N LYS A 88 8.14 -10.12 16.05
CA LYS A 88 8.04 -8.91 15.25
C LYS A 88 7.21 -7.81 15.92
N GLY A 89 7.57 -6.56 15.70
CA GLY A 89 6.76 -5.47 16.22
C GLY A 89 5.62 -5.14 15.26
N LEU A 90 4.49 -4.73 15.83
CA LEU A 90 3.37 -4.23 15.02
C LEU A 90 2.98 -2.84 15.47
N ARG A 91 2.77 -1.95 14.51
CA ARG A 91 2.36 -0.57 14.84
C ARG A 91 0.87 -0.31 14.64
N THR A 92 0.30 -0.86 13.58
CA THR A 92 -1.09 -0.60 13.23
C THR A 92 -1.83 -1.85 12.80
N GLY A 93 -3.16 -1.79 12.83
CA GLY A 93 -4.00 -2.87 12.32
C GLY A 93 -3.67 -3.23 10.88
N THR A 94 -3.17 -2.26 10.11
CA THR A 94 -2.73 -2.49 8.73
C THR A 94 -1.44 -3.33 8.69
N ASP A 95 -0.48 -3.03 9.57
CA ASP A 95 0.70 -3.88 9.72
C ASP A 95 0.25 -5.29 10.04
N PHE A 96 -0.73 -5.39 10.94
CA PHE A 96 -1.21 -6.68 11.38
C PHE A 96 -1.75 -7.53 10.23
N GLU A 97 -2.53 -6.94 9.32
CA GLU A 97 -3.14 -7.73 8.26
C GLU A 97 -2.12 -8.28 7.28
N TYR A 98 -1.10 -7.48 6.96
CA TYR A 98 -0.03 -7.96 6.10
C TYR A 98 0.80 -9.03 6.81
N GLU A 99 1.17 -8.77 8.06
CA GLU A 99 2.03 -9.68 8.79
C GLU A 99 1.30 -10.95 9.14
N LEU A 100 -0.02 -10.85 9.31
CA LEU A 100 -0.83 -12.01 9.58
C LEU A 100 -0.74 -13.01 8.44
N GLN A 101 -0.86 -12.50 7.22
CA GLN A 101 -0.73 -13.33 6.02
C GLN A 101 0.60 -14.09 6.01
N MET A 102 1.69 -13.36 6.24
CA MET A 102 3.01 -13.97 6.21
C MET A 102 3.18 -14.95 7.35
N ALA A 103 2.60 -14.65 8.51
CA ALA A 103 2.74 -15.53 9.64
C ALA A 103 2.01 -16.85 9.40
N GLN A 104 0.82 -16.77 8.81
CA GLN A 104 0.08 -17.98 8.53
C GLN A 104 0.74 -18.80 7.44
N MET A 105 1.33 -18.13 6.45
CA MET A 105 2.08 -18.86 5.43
C MET A 105 3.29 -19.58 6.04
N ASN A 106 4.02 -18.88 6.90
CA ASN A 106 5.19 -19.45 7.56
C ASN A 106 4.84 -20.64 8.45
N LYS A 107 3.70 -20.56 9.12
N LYS A 107 3.70 -20.58 9.11
CA LYS A 107 3.24 -21.68 9.93
CA LYS A 107 3.25 -21.69 9.93
C LYS A 107 2.87 -22.85 9.02
C LYS A 107 2.84 -22.86 9.03
N HIS A 108 2.19 -22.55 7.92
CA HIS A 108 1.77 -23.58 6.97
C HIS A 108 2.94 -24.34 6.35
N ILE A 109 3.98 -23.62 5.92
CA ILE A 109 5.05 -24.29 5.16
C ILE A 109 6.16 -24.87 6.04
N ALA A 110 6.25 -24.45 7.29
CA ALA A 110 7.39 -24.85 8.12
C ALA A 110 7.07 -25.10 9.59
N GLY A 111 5.85 -24.77 10.00
CA GLY A 111 5.44 -24.99 11.39
C GLY A 111 6.04 -23.95 12.32
N VAL A 112 6.60 -22.89 11.76
CA VAL A 112 7.19 -21.83 12.56
C VAL A 112 6.12 -20.87 13.06
N ASP A 113 6.15 -20.55 14.35
CA ASP A 113 5.20 -19.62 14.98
C ASP A 113 5.70 -18.19 14.94
N THR A 114 4.78 -17.22 14.94
CA THR A 114 5.15 -15.81 15.00
C THR A 114 4.44 -15.14 16.17
N PHE A 115 5.21 -14.43 16.96
CA PHE A 115 4.69 -13.64 18.08
C PHE A 115 4.85 -12.18 17.77
N PHE A 116 3.79 -11.42 17.94
CA PHE A 116 3.84 -9.99 17.68
C PHE A 116 3.83 -9.22 18.97
N VAL A 117 4.50 -8.08 18.94
CA VAL A 117 4.52 -7.23 20.10
CA VAL A 117 4.60 -7.21 20.09
C VAL A 117 4.13 -5.82 19.67
N ALA A 118 3.32 -5.15 20.49
CA ALA A 118 2.85 -3.81 20.14
C ALA A 118 3.95 -2.77 20.26
N THR A 119 4.08 -1.93 19.23
CA THR A 119 5.01 -0.81 19.27
C THR A 119 4.88 0.02 20.56
N ALA A 120 6.02 0.52 21.03
CA ALA A 120 5.98 1.57 22.04
C ALA A 120 5.28 2.81 21.43
N PRO A 121 4.43 3.48 22.21
CA PRO A 121 3.67 4.61 21.65
C PRO A 121 4.57 5.69 21.05
N ALA A 122 5.71 5.97 21.66
CA ALA A 122 6.60 7.03 21.19
C ALA A 122 7.19 6.79 19.79
N TYR A 123 7.17 5.55 19.32
CA TYR A 123 7.81 5.21 18.04
C TYR A 123 6.82 4.72 17.00
N SER A 124 5.54 4.87 17.27
CA SER A 124 4.52 4.30 16.40
C SER A 124 4.60 4.82 14.95
N PHE A 125 5.19 6.00 14.77
CA PHE A 125 5.22 6.65 13.46
C PHE A 125 6.56 6.50 12.76
N VAL A 126 7.51 5.85 13.42
CA VAL A 126 8.84 5.75 12.86
C VAL A 126 9.00 4.47 12.04
N SER A 127 9.60 4.63 10.88
CA SER A 127 9.96 3.49 10.06
C SER A 127 11.30 3.83 9.42
N SER A 128 12.08 2.83 9.05
CA SER A 128 13.33 3.06 8.35
C SER A 128 13.10 3.89 7.10
N SER A 129 12.07 3.54 6.33
CA SER A 129 11.81 4.23 5.07
CA SER A 129 11.80 4.23 5.07
C SER A 129 11.47 5.71 5.27
N LEU A 130 10.60 6.01 6.23
CA LEU A 130 10.18 7.40 6.45
C LEU A 130 11.31 8.21 7.04
N ALA A 131 12.09 7.61 7.93
CA ALA A 131 13.26 8.29 8.47
C ALA A 131 14.27 8.64 7.36
N LYS A 132 14.51 7.70 6.45
CA LYS A 132 15.41 7.98 5.33
C LYS A 132 14.85 9.10 4.45
N GLU A 133 13.56 9.04 4.14
CA GLU A 133 12.96 10.07 3.29
C GLU A 133 13.04 11.45 3.93
N VAL A 134 12.67 11.56 5.21
CA VAL A 134 12.71 12.84 5.90
C VAL A 134 14.15 13.39 5.92
N ALA A 135 15.09 12.52 6.26
CA ALA A 135 16.50 12.94 6.34
C ALA A 135 17.05 13.35 4.97
N THR A 136 16.63 12.66 3.93
CA THR A 136 17.05 13.02 2.57
C THR A 136 16.71 14.48 2.26
N TYR A 137 15.57 14.95 2.77
CA TYR A 137 15.18 16.34 2.51
C TYR A 137 15.51 17.29 3.66
N GLY A 138 16.34 16.81 4.59
CA GLY A 138 16.88 17.69 5.61
C GLY A 138 16.12 17.77 6.93
N GLY A 139 15.10 16.94 7.12
CA GLY A 139 14.36 16.95 8.36
C GLY A 139 15.16 16.33 9.50
N ASP A 140 14.89 16.75 10.74
CA ASP A 140 15.65 16.28 11.89
C ASP A 140 15.12 14.97 12.49
N VAL A 141 15.84 13.88 12.23
CA VAL A 141 15.39 12.57 12.71
C VAL A 141 16.29 12.04 13.83
N SER A 142 17.06 12.93 14.46
CA SER A 142 18.01 12.50 15.47
C SER A 142 17.39 11.79 16.67
N ALA A 143 16.13 12.06 16.98
CA ALA A 143 15.51 11.45 18.17
C ALA A 143 14.84 10.11 17.87
N LEU A 144 14.90 9.69 16.61
CA LEU A 144 14.20 8.47 16.20
C LEU A 144 15.16 7.32 15.96
N LEU A 145 16.46 7.64 15.97
CA LEU A 145 17.48 6.68 15.62
C LEU A 145 18.54 6.62 16.71
N PRO A 146 19.14 5.43 16.91
CA PRO A 146 20.23 5.30 17.87
C PRO A 146 21.43 6.14 17.46
N ALA A 147 22.31 6.42 18.40
CA ALA A 147 23.51 7.18 18.09
C ALA A 147 24.38 6.46 17.06
N SER A 148 24.31 5.12 17.06
CA SER A 148 25.11 4.34 16.12
C SER A 148 24.69 4.54 14.67
N VAL A 149 23.54 5.20 14.49
CA VAL A 149 22.93 5.35 13.16
C VAL A 149 22.89 6.76 12.58
N HIS A 150 22.53 7.75 13.39
CA HIS A 150 22.16 9.07 12.86
C HIS A 150 23.25 9.72 11.99
N GLN A 151 24.46 9.80 12.52
CA GLN A 151 25.51 10.46 11.74
C GLN A 151 25.99 9.61 10.55
N ARG A 152 25.96 8.28 10.66
CA ARG A 152 26.23 7.44 9.49
CA ARG A 152 26.25 7.44 9.49
C ARG A 152 25.21 7.68 8.40
N LEU A 153 23.95 7.86 8.80
CA LEU A 153 22.89 8.15 7.83
C LEU A 153 23.16 9.48 7.13
N LEU A 154 23.53 10.49 7.91
CA LEU A 154 23.79 11.79 7.32
C LEU A 154 24.96 11.70 6.34
N GLY A 155 25.97 10.92 6.71
CA GLY A 155 27.12 10.69 5.85
C GLY A 155 26.76 10.07 4.52
N LYS A 156 25.90 9.05 4.53
CA LYS A 156 25.45 8.45 3.27
C LYS A 156 24.72 9.46 2.41
N LEU A 157 23.90 10.33 3.03
CA LEU A 157 23.11 11.28 2.27
C LEU A 157 23.98 12.37 1.65
N ARG A 158 25.09 12.70 2.31
CA ARG A 158 26.02 13.69 1.79
C ARG A 158 27.24 13.04 1.13
N MET B 2 -3.45 36.01 12.87
CA MET B 2 -3.77 35.52 11.53
C MET B 2 -3.57 33.99 11.49
N THR B 3 -4.68 33.26 11.42
CA THR B 3 -4.64 31.81 11.33
C THR B 3 -4.39 31.41 9.86
N GLY B 4 -3.80 30.24 9.62
CA GLY B 4 -3.56 29.82 8.24
C GLY B 4 -3.12 28.38 8.12
N ALA B 5 -3.24 27.82 6.92
CA ALA B 5 -2.81 26.44 6.69
C ALA B 5 -2.41 26.20 5.25
N VAL B 6 -1.54 25.21 5.06
CA VAL B 6 -1.11 24.75 3.76
C VAL B 6 -1.85 23.47 3.36
N CYS B 7 -2.39 23.45 2.15
CA CYS B 7 -3.03 22.25 1.62
CA CYS B 7 -3.06 22.25 1.59
C CYS B 7 -2.16 21.64 0.52
N PRO B 8 -1.42 20.57 0.84
CA PRO B 8 -0.45 20.02 -0.11
C PRO B 8 -0.97 18.88 -0.97
N GLY B 9 -0.43 18.76 -2.17
CA GLY B 9 -0.79 17.65 -3.03
C GLY B 9 -0.14 17.75 -4.39
N SER B 10 -0.25 16.68 -5.19
CA SER B 10 0.19 16.79 -6.57
C SER B 10 -0.90 17.44 -7.44
N PHE B 11 -2.17 17.24 -7.09
CA PHE B 11 -3.31 17.81 -7.85
C PHE B 11 -3.17 17.64 -9.37
N ASP B 12 -3.11 16.39 -9.82
CA ASP B 12 -2.80 16.07 -11.22
C ASP B 12 -3.88 15.19 -11.89
N PRO B 13 -5.07 15.74 -12.16
CA PRO B 13 -5.50 17.11 -11.93
C PRO B 13 -6.28 17.27 -10.62
N VAL B 14 -6.58 18.51 -10.26
CA VAL B 14 -7.49 18.79 -9.16
C VAL B 14 -8.85 18.15 -9.45
N THR B 15 -9.47 17.57 -8.43
CA THR B 15 -10.78 16.94 -8.52
C THR B 15 -11.81 17.70 -7.68
N LEU B 16 -13.08 17.35 -7.78
CA LEU B 16 -14.10 17.96 -6.95
C LEU B 16 -13.89 17.63 -5.47
N GLY B 17 -13.26 16.49 -5.20
CA GLY B 17 -12.88 16.11 -3.85
C GLY B 17 -11.88 17.07 -3.24
N HIS B 18 -10.83 17.41 -4.01
CA HIS B 18 -9.86 18.40 -3.56
C HIS B 18 -10.53 19.76 -3.33
N LEU B 19 -11.40 20.14 -4.25
CA LEU B 19 -12.04 21.46 -4.18
CA LEU B 19 -12.06 21.45 -4.18
C LEU B 19 -12.89 21.55 -2.92
N ASP B 20 -13.53 20.44 -2.56
CA ASP B 20 -14.32 20.40 -1.35
C ASP B 20 -13.44 20.72 -0.14
N VAL B 21 -12.27 20.10 -0.06
CA VAL B 21 -11.33 20.38 1.00
C VAL B 21 -10.88 21.85 0.99
N PHE B 22 -10.57 22.38 -0.19
CA PHE B 22 -10.14 23.78 -0.30
C PHE B 22 -11.20 24.74 0.25
N GLU B 23 -12.45 24.50 -0.13
CA GLU B 23 -13.54 25.37 0.29
C GLU B 23 -13.75 25.31 1.78
N ARG B 24 -13.66 24.12 2.36
CA ARG B 24 -13.87 23.97 3.80
CA ARG B 24 -13.87 23.99 3.79
C ARG B 24 -12.72 24.61 4.58
N ALA B 25 -11.50 24.44 4.09
CA ALA B 25 -10.36 25.06 4.78
C ALA B 25 -10.42 26.58 4.68
N ALA B 26 -10.79 27.07 3.49
CA ALA B 26 -10.85 28.53 3.26
C ALA B 26 -11.95 29.19 4.11
N ALA B 27 -12.97 28.42 4.46
CA ALA B 27 -14.04 28.92 5.31
C ALA B 27 -13.60 29.04 6.77
N GLN B 28 -12.57 28.31 7.17
CA GLN B 28 -12.23 28.22 8.59
C GLN B 28 -10.89 28.83 8.99
N PHE B 29 -10.00 29.04 8.02
CA PHE B 29 -8.69 29.64 8.29
C PHE B 29 -8.61 31.02 7.62
N ASP B 30 -7.88 31.97 8.18
CA ASP B 30 -7.80 33.29 7.56
C ASP B 30 -7.10 33.21 6.21
N GLU B 31 -6.16 32.28 6.07
CA GLU B 31 -5.43 32.10 4.81
C GLU B 31 -5.12 30.62 4.54
N VAL B 32 -5.30 30.22 3.28
CA VAL B 32 -4.98 28.88 2.83
C VAL B 32 -4.02 28.98 1.65
N ILE B 33 -2.91 28.24 1.72
CA ILE B 33 -2.01 28.13 0.60
C ILE B 33 -2.08 26.71 0.03
N VAL B 34 -2.49 26.59 -1.22
CA VAL B 34 -2.50 25.29 -1.87
C VAL B 34 -1.10 25.09 -2.43
N ALA B 35 -0.42 24.03 -1.99
CA ALA B 35 0.94 23.77 -2.45
C ALA B 35 0.98 22.62 -3.45
N VAL B 36 1.28 22.97 -4.69
CA VAL B 36 1.33 21.99 -5.77
C VAL B 36 2.72 21.38 -5.86
N LEU B 37 2.82 20.11 -5.48
CA LEU B 37 4.15 19.54 -5.24
C LEU B 37 4.82 19.18 -6.55
N ILE B 38 6.05 19.64 -6.72
CA ILE B 38 6.80 19.30 -7.92
C ILE B 38 7.71 18.11 -7.58
N ASN B 39 7.53 17.00 -8.30
CA ASN B 39 8.35 15.83 -8.08
C ASN B 39 9.09 15.47 -9.36
N PRO B 40 10.41 15.76 -9.39
CA PRO B 40 11.35 15.55 -10.49
C PRO B 40 11.23 14.16 -11.10
N ASN B 41 11.16 13.13 -10.26
CA ASN B 41 11.00 11.77 -10.73
C ASN B 41 9.67 11.55 -11.43
N LYS B 42 8.60 11.50 -10.64
CA LYS B 42 7.26 11.25 -11.17
C LYS B 42 6.68 12.45 -11.91
N ALA B 43 6.92 12.51 -13.22
CA ALA B 43 6.28 13.51 -14.05
C ALA B 43 4.93 12.98 -14.53
N GLY B 44 3.86 13.51 -13.93
CA GLY B 44 2.51 13.07 -14.25
C GLY B 44 1.97 13.63 -15.55
N MET B 45 0.66 13.80 -15.61
CA MET B 45 0.00 14.19 -16.85
C MET B 45 0.11 15.70 -17.15
N PHE B 46 -0.11 16.53 -16.13
CA PHE B 46 -0.10 17.98 -16.32
C PHE B 46 1.16 18.61 -15.76
N THR B 47 1.66 19.66 -16.43
CA THR B 47 2.80 20.40 -15.93
C THR B 47 2.39 21.15 -14.67
N VAL B 48 3.35 21.63 -13.89
CA VAL B 48 3.01 22.35 -12.66
C VAL B 48 2.21 23.60 -12.97
N ASP B 49 2.56 24.30 -14.04
CA ASP B 49 1.84 25.52 -14.39
C ASP B 49 0.41 25.20 -14.80
N GLU B 50 0.22 24.08 -15.49
CA GLU B 50 -1.13 23.69 -15.87
C GLU B 50 -1.95 23.36 -14.62
N ARG B 51 -1.33 22.65 -13.68
CA ARG B 51 -2.01 22.29 -12.43
CA ARG B 51 -2.03 22.29 -12.44
C ARG B 51 -2.37 23.52 -11.62
N ILE B 52 -1.45 24.47 -11.53
CA ILE B 52 -1.73 25.72 -10.81
C ILE B 52 -2.89 26.48 -11.45
N GLU B 53 -2.91 26.56 -12.78
CA GLU B 53 -3.97 27.29 -13.44
C GLU B 53 -5.33 26.62 -13.27
N MET B 54 -5.36 25.29 -13.30
CA MET B 54 -6.62 24.58 -13.07
C MET B 54 -7.16 24.82 -11.66
N ILE B 55 -6.29 24.83 -10.67
CA ILE B 55 -6.73 25.14 -9.31
C ILE B 55 -7.21 26.60 -9.17
N ARG B 56 -6.50 27.55 -9.77
CA ARG B 56 -6.93 28.94 -9.70
C ARG B 56 -8.29 29.16 -10.34
N GLU B 57 -8.54 28.50 -11.46
CA GLU B 57 -9.84 28.58 -12.12
C GLU B 57 -10.95 28.05 -11.22
N SER B 58 -10.70 26.95 -10.52
CA SER B 58 -11.74 26.32 -9.71
C SER B 58 -11.93 26.99 -8.36
N THR B 59 -10.95 27.79 -7.95
CA THR B 59 -11.03 28.48 -6.65
C THR B 59 -11.16 30.01 -6.78
N ALA B 60 -11.73 30.47 -7.89
CA ALA B 60 -11.82 31.91 -8.15
C ALA B 60 -12.61 32.65 -7.09
N ASP B 61 -13.54 31.95 -6.42
CA ASP B 61 -14.36 32.61 -5.43
CA ASP B 61 -14.39 32.58 -5.42
C ASP B 61 -13.83 32.47 -4.01
N LEU B 62 -12.58 32.02 -3.87
CA LEU B 62 -11.97 31.91 -2.55
C LEU B 62 -10.83 32.94 -2.42
N PRO B 63 -11.16 34.14 -1.91
CA PRO B 63 -10.17 35.22 -1.95
C PRO B 63 -9.00 35.01 -1.02
N ASN B 64 -9.21 34.24 0.06
N ASN B 64 -9.20 34.25 0.06
CA ASN B 64 -8.14 34.00 1.02
CA ASN B 64 -8.12 34.01 1.02
C ASN B 64 -7.35 32.73 0.74
C ASN B 64 -7.32 32.75 0.72
N LEU B 65 -7.57 32.14 -0.43
CA LEU B 65 -6.82 30.98 -0.84
C LEU B 65 -5.90 31.38 -2.00
N ARG B 66 -4.62 31.05 -1.87
CA ARG B 66 -3.70 31.20 -3.00
C ARG B 66 -2.95 29.92 -3.33
N VAL B 67 -2.46 29.85 -4.57
CA VAL B 67 -1.85 28.63 -5.09
C VAL B 67 -0.38 28.85 -5.41
N GLU B 68 0.49 27.95 -4.95
CA GLU B 68 1.92 28.04 -5.19
C GLU B 68 2.50 26.66 -5.46
N SER B 69 3.64 26.61 -6.13
CA SER B 69 4.31 25.33 -6.33
C SER B 69 5.28 25.13 -5.21
N GLY B 70 5.64 23.88 -4.93
CA GLY B 70 6.53 23.62 -3.84
C GLY B 70 7.37 22.40 -4.10
N GLN B 71 8.53 22.34 -3.48
CA GLN B 71 9.43 21.21 -3.63
C GLN B 71 10.07 20.90 -2.29
N GLY B 72 10.48 19.66 -2.09
CA GLY B 72 11.24 19.33 -0.91
C GLY B 72 10.37 19.10 0.31
N LEU B 73 10.96 19.32 1.49
CA LEU B 73 10.31 19.00 2.75
C LEU B 73 9.11 19.91 3.01
N LEU B 74 7.93 19.32 3.17
CA LEU B 74 6.71 20.09 3.35
C LEU B 74 6.78 21.03 4.54
N VAL B 75 7.31 20.56 5.68
CA VAL B 75 7.31 21.43 6.85
C VAL B 75 8.22 22.66 6.67
N ASP B 76 9.19 22.58 5.78
CA ASP B 76 10.01 23.77 5.47
C ASP B 76 9.19 24.77 4.67
N PHE B 77 8.44 24.27 3.68
CA PHE B 77 7.52 25.11 2.91
C PHE B 77 6.55 25.86 3.84
N VAL B 78 5.93 25.11 4.75
CA VAL B 78 4.97 25.65 5.70
C VAL B 78 5.61 26.72 6.57
N ARG B 79 6.76 26.42 7.14
N ARG B 79 6.76 26.41 7.15
CA ARG B 79 7.41 27.33 8.09
CA ARG B 79 7.41 27.32 8.09
CA ARG B 79 7.38 27.79 9.26
C ARG B 79 7.93 28.59 7.44
C ARG B 79 7.93 28.59 7.44
N GLU B 80 8.46 28.48 6.23
CA GLU B 80 8.99 29.65 5.52
C GLU B 80 7.90 30.64 5.10
N ARG B 81 6.66 30.22 5.21
CA ARG B 81 5.55 31.11 4.91
C ARG B 81 4.88 31.60 6.19
N GLY B 82 5.56 31.40 7.31
CA GLY B 82 5.08 31.88 8.59
C GLY B 82 3.86 31.13 9.10
N LEU B 83 3.66 29.92 8.60
CA LEU B 83 2.51 29.11 9.01
C LEU B 83 2.96 27.93 9.84
N ASN B 84 2.02 27.23 10.45
CA ASN B 84 2.38 26.06 11.25
CA ASN B 84 2.33 26.12 11.32
C ASN B 84 1.28 25.01 11.27
N ALA B 85 0.49 25.00 10.20
CA ALA B 85 -0.58 24.00 10.05
C ALA B 85 -0.68 23.52 8.60
N ILE B 86 -1.00 22.24 8.47
CA ILE B 86 -1.32 21.58 7.20
C ILE B 86 -2.79 21.18 7.26
N VAL B 87 -3.52 21.26 6.14
CA VAL B 87 -4.88 20.71 6.10
CA VAL B 87 -4.88 20.70 6.09
C VAL B 87 -4.98 19.74 4.93
N LYS B 88 -5.57 18.57 5.16
CA LYS B 88 -5.70 17.53 4.13
C LYS B 88 -7.05 16.86 4.25
N GLY B 89 -7.53 16.27 3.16
CA GLY B 89 -8.77 15.53 3.24
C GLY B 89 -8.47 14.08 3.63
N LEU B 90 -9.45 13.42 4.22
CA LEU B 90 -9.39 11.98 4.49
C LEU B 90 -10.63 11.31 3.95
N ARG B 91 -10.48 10.22 3.21
CA ARG B 91 -11.65 9.52 2.66
C ARG B 91 -11.98 8.24 3.42
N THR B 92 -10.97 7.54 3.91
CA THR B 92 -11.16 6.22 4.51
C THR B 92 -10.20 5.95 5.66
N GLY B 93 -10.36 4.79 6.27
CA GLY B 93 -9.50 4.33 7.35
C GLY B 93 -8.01 4.24 7.02
N THR B 94 -7.69 3.71 5.84
N THR B 94 -7.66 3.69 5.86
CA THR B 94 -6.30 3.56 5.41
CA THR B 94 -6.25 3.59 5.48
C THR B 94 -5.68 4.90 4.99
C THR B 94 -5.68 4.97 5.11
N ASP B 95 -6.54 5.84 4.59
CA ASP B 95 -6.13 7.22 4.37
C ASP B 95 -5.56 7.71 5.70
N PHE B 96 -6.37 7.54 6.74
CA PHE B 96 -5.97 7.97 8.07
C PHE B 96 -4.68 7.28 8.54
N GLU B 97 -4.52 5.99 8.27
CA GLU B 97 -3.35 5.27 8.80
C GLU B 97 -2.02 5.82 8.28
N TYR B 98 -1.93 6.00 6.97
CA TYR B 98 -0.73 6.59 6.38
C TYR B 98 -0.54 8.04 6.80
N GLU B 99 -1.64 8.80 6.79
CA GLU B 99 -1.55 10.23 7.07
C GLU B 99 -1.25 10.47 8.53
N LEU B 100 -1.73 9.58 9.40
CA LEU B 100 -1.46 9.73 10.83
C LEU B 100 0.04 9.70 11.09
N GLN B 101 0.71 8.75 10.47
CA GLN B 101 2.17 8.57 10.61
CA GLN B 101 2.14 8.60 10.69
C GLN B 101 2.88 9.83 10.15
N MET B 102 2.50 10.29 8.96
CA MET B 102 3.07 11.52 8.39
CA MET B 102 3.15 11.49 8.44
C MET B 102 2.83 12.72 9.30
N ALA B 103 1.61 12.83 9.81
CA ALA B 103 1.29 13.98 10.68
C ALA B 103 2.08 13.94 11.98
N GLN B 104 2.25 12.74 12.52
CA GLN B 104 3.02 12.67 13.76
C GLN B 104 4.50 13.00 13.51
N MET B 105 5.03 12.52 12.38
CA MET B 105 6.40 12.83 11.98
C MET B 105 6.57 14.34 11.77
N ASN B 106 5.60 14.94 11.09
CA ASN B 106 5.72 16.38 10.80
C ASN B 106 5.64 17.19 12.08
N LYS B 107 4.82 16.76 13.04
CA LYS B 107 4.75 17.47 14.30
C LYS B 107 6.06 17.28 15.10
N HIS B 108 6.61 16.08 15.04
CA HIS B 108 7.84 15.76 15.76
C HIS B 108 9.02 16.57 15.23
N ILE B 109 9.17 16.62 13.91
CA ILE B 109 10.39 17.23 13.34
C ILE B 109 10.34 18.76 13.24
N ALA B 110 9.15 19.37 13.28
CA ALA B 110 9.07 20.81 13.03
C ALA B 110 7.98 21.54 13.83
N GLY B 111 7.17 20.79 14.57
CA GLY B 111 6.14 21.42 15.38
C GLY B 111 4.94 21.88 14.57
N VAL B 112 4.83 21.39 13.35
CA VAL B 112 3.74 21.75 12.45
C VAL B 112 2.58 20.79 12.68
N ASP B 113 1.38 21.34 12.88
CA ASP B 113 0.21 20.51 13.12
C ASP B 113 -0.53 20.18 11.84
N THR B 114 -1.36 19.13 11.88
CA THR B 114 -2.13 18.74 10.71
C THR B 114 -3.58 18.58 11.10
N PHE B 115 -4.45 19.21 10.31
CA PHE B 115 -5.90 19.10 10.47
C PHE B 115 -6.46 18.37 9.26
N PHE B 116 -7.29 17.38 9.52
CA PHE B 116 -7.92 16.59 8.47
C PHE B 116 -9.40 16.91 8.36
N VAL B 117 -9.91 17.00 7.13
CA VAL B 117 -11.36 17.11 6.96
C VAL B 117 -11.91 15.85 6.35
N ALA B 118 -13.10 15.45 6.77
CA ALA B 118 -13.67 14.23 6.22
C ALA B 118 -14.26 14.47 4.84
N THR B 119 -14.04 13.54 3.92
CA THR B 119 -14.56 13.67 2.57
C THR B 119 -16.09 13.93 2.59
N ALA B 120 -16.58 14.65 1.60
CA ALA B 120 -18.02 14.67 1.34
C ALA B 120 -18.33 13.27 0.84
N PRO B 121 -19.48 12.72 1.23
CA PRO B 121 -19.80 11.34 0.82
C PRO B 121 -19.73 11.13 -0.69
N ALA B 122 -20.17 12.15 -1.44
CA ALA B 122 -20.27 12.06 -2.90
C ALA B 122 -18.94 11.75 -3.58
N TYR B 123 -17.83 12.15 -2.95
CA TYR B 123 -16.52 12.06 -3.61
C TYR B 123 -15.58 11.10 -2.93
N SER B 124 -16.13 10.24 -2.08
CA SER B 124 -15.32 9.32 -1.30
C SER B 124 -14.47 8.40 -2.18
N PHE B 125 -14.92 8.17 -3.40
CA PHE B 125 -14.26 7.20 -4.27
C PHE B 125 -13.39 7.85 -5.34
N VAL B 126 -13.35 9.17 -5.42
CA VAL B 126 -12.61 9.79 -6.51
CA VAL B 126 -12.60 9.76 -6.52
C VAL B 126 -11.17 10.08 -6.11
N SER B 127 -10.25 9.90 -7.05
CA SER B 127 -8.87 10.26 -6.87
C SER B 127 -8.38 10.70 -8.24
N SER B 128 -7.31 11.49 -8.27
CA SER B 128 -6.75 11.93 -9.54
C SER B 128 -6.36 10.73 -10.40
N SER B 129 -5.69 9.76 -9.79
CA SER B 129 -5.18 8.60 -10.52
CA SER B 129 -5.18 8.60 -10.51
C SER B 129 -6.30 7.75 -11.09
N LEU B 130 -7.32 7.47 -10.30
CA LEU B 130 -8.41 6.65 -10.81
C LEU B 130 -9.21 7.40 -11.89
N ALA B 131 -9.38 8.71 -11.73
CA ALA B 131 -10.10 9.49 -12.73
C ALA B 131 -9.36 9.49 -14.08
N LYS B 132 -8.04 9.67 -14.03
CA LYS B 132 -7.22 9.65 -15.25
C LYS B 132 -7.29 8.30 -15.92
N GLU B 133 -7.15 7.24 -15.12
CA GLU B 133 -7.22 5.86 -15.62
C GLU B 133 -8.55 5.60 -16.30
N VAL B 134 -9.66 5.86 -15.63
CA VAL B 134 -10.97 5.75 -16.25
C VAL B 134 -11.11 6.60 -17.54
N ALA B 135 -10.68 7.85 -17.49
CA ALA B 135 -10.79 8.75 -18.65
C ALA B 135 -10.02 8.23 -19.86
N THR B 136 -8.84 7.70 -19.61
CA THR B 136 -7.96 7.16 -20.64
C THR B 136 -8.66 6.08 -21.49
N TYR B 137 -9.50 5.28 -20.85
CA TYR B 137 -10.18 4.19 -21.54
C TYR B 137 -11.61 4.52 -21.92
N GLY B 138 -11.94 5.81 -21.90
CA GLY B 138 -13.23 6.27 -22.39
C GLY B 138 -14.36 6.41 -21.39
N GLY B 139 -14.08 6.20 -20.10
CA GLY B 139 -15.10 6.36 -19.09
C GLY B 139 -15.47 7.83 -18.90
N ASP B 140 -16.70 8.09 -18.45
CA ASP B 140 -17.17 9.46 -18.23
C ASP B 140 -16.95 9.94 -16.80
N VAL B 141 -15.93 10.77 -16.61
CA VAL B 141 -15.58 11.31 -15.30
C VAL B 141 -15.98 12.77 -15.14
N SER B 142 -16.90 13.25 -15.95
CA SER B 142 -17.26 14.67 -15.95
C SER B 142 -17.93 15.12 -14.64
N ALA B 143 -18.63 14.22 -13.95
CA ALA B 143 -19.27 14.59 -12.68
C ALA B 143 -18.29 14.61 -11.49
N LEU B 144 -17.03 14.32 -11.75
CA LEU B 144 -16.05 14.16 -10.67
C LEU B 144 -14.98 15.24 -10.69
N LEU B 145 -15.01 16.06 -11.74
CA LEU B 145 -13.98 17.07 -11.96
C LEU B 145 -14.61 18.43 -12.24
N PRO B 146 -13.90 19.53 -11.89
CA PRO B 146 -14.43 20.85 -12.24
C PRO B 146 -14.58 20.97 -13.76
N ALA B 147 -15.52 21.78 -14.22
CA ALA B 147 -15.81 21.95 -15.65
C ALA B 147 -14.56 22.16 -16.49
N SER B 148 -13.71 23.08 -16.06
CA SER B 148 -12.52 23.48 -16.79
C SER B 148 -11.53 22.32 -16.95
N VAL B 149 -11.30 21.63 -15.85
CA VAL B 149 -10.41 20.48 -15.81
C VAL B 149 -10.81 19.43 -16.83
N HIS B 150 -12.11 19.18 -16.96
CA HIS B 150 -12.57 18.10 -17.84
C HIS B 150 -12.24 18.40 -19.29
N GLN B 151 -12.38 19.67 -19.70
CA GLN B 151 -12.03 20.06 -21.07
C GLN B 151 -10.53 19.89 -21.34
N ARG B 152 -9.69 20.34 -20.41
CA ARG B 152 -8.25 20.18 -20.54
C ARG B 152 -7.82 18.70 -20.56
N LEU B 153 -8.53 17.87 -19.80
CA LEU B 153 -8.24 16.43 -19.75
C LEU B 153 -8.50 15.76 -21.10
N LEU B 154 -9.61 16.12 -21.73
CA LEU B 154 -9.94 15.63 -23.07
C LEU B 154 -8.81 15.95 -24.03
N GLY B 155 -8.24 17.14 -23.89
CA GLY B 155 -7.16 17.58 -24.76
C GLY B 155 -5.91 16.73 -24.68
N LYS B 156 -5.44 16.46 -23.46
CA LYS B 156 -4.24 15.67 -23.27
C LYS B 156 -4.42 14.21 -23.69
N LEU B 157 -5.66 13.75 -23.88
CA LEU B 157 -5.89 12.35 -24.22
C LEU B 157 -5.86 12.07 -25.73
N ARG B 158 -6.16 13.05 -26.56
CA ARG B 158 -6.07 12.85 -28.01
C ARG B 158 -4.66 13.15 -28.54
N MET C 2 -32.33 -14.79 -16.08
CA MET C 2 -31.08 -14.74 -16.84
C MET C 2 -29.99 -13.96 -16.10
N THR C 3 -29.62 -14.44 -14.92
CA THR C 3 -28.65 -13.75 -14.08
C THR C 3 -27.21 -14.05 -14.50
N GLY C 4 -26.27 -13.22 -14.06
CA GLY C 4 -24.90 -13.42 -14.47
C GLY C 4 -23.92 -12.49 -13.80
N ALA C 5 -22.67 -12.92 -13.68
CA ALA C 5 -21.63 -12.09 -13.10
C ALA C 5 -20.26 -12.37 -13.69
N VAL C 6 -19.41 -11.35 -13.62
CA VAL C 6 -18.04 -11.46 -14.08
C VAL C 6 -17.08 -11.53 -12.89
N CYS C 7 -16.15 -12.47 -12.93
CA CYS C 7 -15.09 -12.53 -11.91
CA CYS C 7 -15.09 -12.55 -11.90
C CYS C 7 -13.75 -12.14 -12.50
N PRO C 8 -13.27 -10.92 -12.20
CA PRO C 8 -12.06 -10.39 -12.82
C PRO C 8 -10.80 -10.61 -11.98
N GLY C 9 -9.64 -10.64 -12.64
CA GLY C 9 -8.37 -10.71 -11.94
C GLY C 9 -7.24 -10.98 -12.89
N SER C 10 -6.01 -10.97 -12.39
CA SER C 10 -4.89 -11.35 -13.24
C SER C 10 -4.68 -12.88 -13.20
N PHE C 11 -5.00 -13.50 -12.06
CA PHE C 11 -4.88 -14.96 -11.91
C PHE C 11 -3.55 -15.50 -12.42
N ASP C 12 -2.47 -15.03 -11.82
CA ASP C 12 -1.12 -15.37 -12.27
C ASP C 12 -0.30 -16.08 -11.20
N PRO C 13 -0.62 -17.35 -10.91
CA PRO C 13 -1.68 -18.20 -11.43
C PRO C 13 -2.93 -18.19 -10.56
N VAL C 14 -4.00 -18.79 -11.06
CA VAL C 14 -5.18 -19.06 -10.24
C VAL C 14 -4.80 -19.92 -9.02
N THR C 15 -5.36 -19.57 -7.86
CA THR C 15 -5.15 -20.33 -6.62
C THR C 15 -6.44 -20.99 -6.19
N LEU C 16 -6.38 -21.77 -5.12
CA LEU C 16 -7.58 -22.41 -4.60
C LEU C 16 -8.51 -21.37 -3.99
N GLY C 17 -7.94 -20.24 -3.57
CA GLY C 17 -8.74 -19.11 -3.10
C GLY C 17 -9.61 -18.57 -4.21
N HIS C 18 -9.03 -18.43 -5.41
CA HIS C 18 -9.81 -17.94 -6.54
C HIS C 18 -10.88 -18.94 -6.93
N LEU C 19 -10.48 -20.21 -6.98
CA LEU C 19 -11.38 -21.27 -7.39
CA LEU C 19 -11.39 -21.28 -7.38
C LEU C 19 -12.59 -21.34 -6.48
N ASP C 20 -12.37 -21.08 -5.19
CA ASP C 20 -13.44 -21.07 -4.21
C ASP C 20 -14.44 -19.98 -4.56
N VAL C 21 -13.94 -18.80 -4.90
CA VAL C 21 -14.82 -17.71 -5.34
C VAL C 21 -15.58 -18.10 -6.61
N PHE C 22 -14.89 -18.69 -7.59
CA PHE C 22 -15.57 -19.11 -8.83
C PHE C 22 -16.74 -20.07 -8.56
N GLU C 23 -16.48 -21.07 -7.72
CA GLU C 23 -17.47 -22.10 -7.40
C GLU C 23 -18.68 -21.47 -6.72
N ARG C 24 -18.42 -20.51 -5.84
CA ARG C 24 -19.48 -19.88 -5.08
CA ARG C 24 -19.50 -19.89 -5.09
C ARG C 24 -20.32 -18.97 -5.98
N ALA C 25 -19.66 -18.24 -6.87
CA ALA C 25 -20.37 -17.40 -7.83
C ALA C 25 -21.21 -18.29 -8.76
N ALA C 26 -20.61 -19.37 -9.21
CA ALA C 26 -21.26 -20.25 -10.18
C ALA C 26 -22.49 -20.93 -9.57
N ALA C 27 -22.51 -21.05 -8.25
CA ALA C 27 -23.64 -21.64 -7.56
C ALA C 27 -24.83 -20.67 -7.38
N GLN C 28 -24.58 -19.37 -7.54
CA GLN C 28 -25.62 -18.36 -7.24
C GLN C 28 -26.07 -17.53 -8.45
N PHE C 29 -25.32 -17.62 -9.55
CA PHE C 29 -25.64 -16.91 -10.78
C PHE C 29 -25.76 -17.89 -11.94
N ASP C 30 -26.65 -17.63 -12.89
CA ASP C 30 -26.85 -18.56 -14.01
C ASP C 30 -25.61 -18.67 -14.90
N GLU C 31 -24.87 -17.58 -15.02
CA GLU C 31 -23.75 -17.45 -15.92
C GLU C 31 -22.60 -16.77 -15.19
N VAL C 32 -21.40 -17.35 -15.25
CA VAL C 32 -20.24 -16.67 -14.71
C VAL C 32 -19.14 -16.60 -15.76
N ILE C 33 -18.62 -15.40 -16.00
CA ILE C 33 -17.47 -15.25 -16.85
C ILE C 33 -16.26 -14.87 -16.03
N VAL C 34 -15.20 -15.66 -16.14
CA VAL C 34 -13.96 -15.29 -15.51
C VAL C 34 -13.18 -14.45 -16.50
N ALA C 35 -12.78 -13.27 -16.07
CA ALA C 35 -12.11 -12.33 -16.96
C ALA C 35 -10.65 -12.24 -16.58
N VAL C 36 -9.79 -12.75 -17.45
CA VAL C 36 -8.36 -12.72 -17.21
C VAL C 36 -7.80 -11.44 -17.81
N LEU C 37 -7.25 -10.60 -16.95
CA LEU C 37 -6.88 -9.27 -17.38
C LEU C 37 -5.49 -9.26 -17.98
N ILE C 38 -5.38 -8.68 -19.17
CA ILE C 38 -4.09 -8.46 -19.81
C ILE C 38 -3.59 -7.06 -19.47
N ASN C 39 -2.43 -6.99 -18.82
CA ASN C 39 -1.88 -5.70 -18.40
C ASN C 39 -0.44 -5.53 -18.90
N ALA C 43 4.04 -7.10 -15.32
CA ALA C 43 4.96 -8.20 -15.55
C ALA C 43 4.44 -9.48 -14.89
N GLY C 44 4.18 -10.50 -15.70
CA GLY C 44 3.60 -11.72 -15.20
C GLY C 44 4.53 -12.93 -15.28
N MET C 45 4.12 -14.01 -14.61
CA MET C 45 4.84 -15.27 -14.73
C MET C 45 4.30 -16.10 -15.89
N PHE C 46 2.98 -16.15 -16.01
CA PHE C 46 2.36 -16.94 -17.06
C PHE C 46 1.77 -16.04 -18.16
N THR C 47 1.68 -16.57 -19.37
CA THR C 47 1.02 -15.84 -20.43
C THR C 47 -0.48 -15.88 -20.24
N VAL C 48 -1.19 -14.96 -20.87
CA VAL C 48 -2.64 -14.93 -20.81
C VAL C 48 -3.23 -16.28 -21.21
N ASP C 49 -2.70 -16.86 -22.28
CA ASP C 49 -3.17 -18.17 -22.74
C ASP C 49 -2.98 -19.26 -21.70
N GLU C 50 -1.81 -19.26 -21.06
CA GLU C 50 -1.53 -20.24 -20.02
C GLU C 50 -2.45 -20.06 -18.81
N ARG C 51 -2.69 -18.81 -18.42
CA ARG C 51 -3.61 -18.51 -17.32
C ARG C 51 -5.01 -19.02 -17.62
N ILE C 52 -5.50 -18.73 -18.81
CA ILE C 52 -6.81 -19.19 -19.21
C ILE C 52 -6.90 -20.71 -19.16
N GLU C 53 -5.90 -21.38 -19.72
CA GLU C 53 -5.83 -22.84 -19.70
C GLU C 53 -5.90 -23.40 -18.28
N MET C 54 -5.11 -22.81 -17.39
CA MET C 54 -5.06 -23.28 -16.01
C MET C 54 -6.41 -23.14 -15.35
N ILE C 55 -7.09 -22.03 -15.61
CA ILE C 55 -8.41 -21.81 -15.02
C ILE C 55 -9.43 -22.76 -15.64
N ARG C 56 -9.34 -22.95 -16.96
CA ARG C 56 -10.25 -23.85 -17.64
C ARG C 56 -10.12 -25.28 -17.12
N GLU C 57 -8.87 -25.73 -16.91
CA GLU C 57 -8.62 -27.07 -16.37
C GLU C 57 -9.23 -27.24 -14.98
N SER C 58 -9.15 -26.18 -14.17
CA SER C 58 -9.55 -26.26 -12.78
C SER C 58 -11.04 -26.09 -12.55
N THR C 59 -11.77 -25.66 -13.58
CA THR C 59 -13.18 -25.36 -13.45
C THR C 59 -14.03 -26.30 -14.31
N ALA C 60 -13.55 -27.52 -14.51
CA ALA C 60 -14.22 -28.46 -15.40
C ALA C 60 -15.61 -28.85 -14.88
N ASP C 61 -15.75 -28.92 -13.56
CA ASP C 61 -17.01 -29.33 -12.96
C ASP C 61 -18.01 -28.17 -12.83
N LEU C 62 -17.66 -27.02 -13.41
CA LEU C 62 -18.56 -25.86 -13.39
C LEU C 62 -19.10 -25.59 -14.79
N PRO C 63 -20.28 -26.15 -15.09
CA PRO C 63 -20.89 -26.07 -16.43
C PRO C 63 -21.26 -24.65 -16.87
N ASN C 64 -21.63 -23.78 -15.92
CA ASN C 64 -22.09 -22.45 -16.27
C ASN C 64 -21.01 -21.38 -16.20
N LEU C 65 -19.75 -21.78 -16.22
CA LEU C 65 -18.64 -20.84 -16.19
C LEU C 65 -17.81 -20.87 -17.46
N ARG C 66 -17.43 -19.70 -17.97
CA ARG C 66 -16.47 -19.63 -19.05
C ARG C 66 -15.39 -18.63 -18.75
N VAL C 67 -14.29 -18.72 -19.49
CA VAL C 67 -13.09 -17.94 -19.21
C VAL C 67 -12.71 -17.19 -20.46
N GLU C 68 -12.34 -15.93 -20.30
CA GLU C 68 -12.03 -15.06 -21.43
C GLU C 68 -10.96 -14.06 -21.02
N SER C 69 -10.14 -13.63 -21.96
CA SER C 69 -9.19 -12.59 -21.67
C SER C 69 -9.88 -11.24 -21.82
N GLY C 70 -9.30 -10.19 -21.25
CA GLY C 70 -9.88 -8.87 -21.35
C GLY C 70 -8.86 -7.77 -21.22
N GLN C 71 -9.14 -6.64 -21.86
CA GLN C 71 -8.29 -5.45 -21.79
C GLN C 71 -9.22 -4.25 -21.64
N GLY C 72 -8.70 -3.12 -21.19
CA GLY C 72 -9.51 -1.90 -21.10
C GLY C 72 -10.34 -1.86 -19.84
N LEU C 73 -11.37 -1.01 -19.84
CA LEU C 73 -12.27 -0.86 -18.70
C LEU C 73 -13.02 -2.14 -18.42
N LEU C 74 -12.90 -2.63 -17.20
CA LEU C 74 -13.70 -3.77 -16.79
C LEU C 74 -15.19 -3.57 -17.06
N VAL C 75 -15.74 -2.37 -16.78
CA VAL C 75 -17.18 -2.20 -16.95
C VAL C 75 -17.60 -2.32 -18.42
N ASP C 76 -16.70 -1.99 -19.34
CA ASP C 76 -16.98 -2.23 -20.77
C ASP C 76 -17.02 -3.72 -21.07
N PHE C 77 -16.09 -4.48 -20.48
CA PHE C 77 -16.06 -5.92 -20.64
C PHE C 77 -17.39 -6.51 -20.14
N VAL C 78 -17.84 -6.03 -18.99
CA VAL C 78 -19.06 -6.55 -18.39
C VAL C 78 -20.30 -6.24 -19.23
N ARG C 79 -20.45 -4.97 -19.59
CA ARG C 79 -21.67 -4.54 -20.28
C ARG C 79 -21.73 -5.05 -21.73
N GLU C 80 -20.58 -5.23 -22.37
CA GLU C 80 -20.54 -5.75 -23.75
C GLU C 80 -20.98 -7.20 -23.80
N ARG C 81 -21.01 -7.85 -22.63
CA ARG C 81 -21.49 -9.22 -22.56
C ARG C 81 -22.89 -9.32 -21.99
N GLY C 82 -23.53 -8.17 -21.85
CA GLY C 82 -24.93 -8.10 -21.46
C GLY C 82 -25.16 -8.22 -19.96
N LEU C 83 -24.10 -8.13 -19.16
CA LEU C 83 -24.23 -8.28 -17.72
C LEU C 83 -24.02 -6.95 -17.03
N ASN C 84 -24.31 -6.88 -15.73
CA ASN C 84 -23.94 -5.67 -14.97
C ASN C 84 -23.64 -5.97 -13.50
N ALA C 85 -22.95 -7.09 -13.26
CA ALA C 85 -22.50 -7.44 -11.93
C ALA C 85 -21.09 -8.02 -12.00
N ILE C 86 -20.28 -7.64 -11.02
CA ILE C 86 -18.92 -8.13 -10.82
C ILE C 86 -18.95 -8.90 -9.49
N VAL C 87 -18.25 -10.03 -9.43
CA VAL C 87 -18.11 -10.76 -8.17
C VAL C 87 -16.62 -10.93 -7.85
N LYS C 88 -16.24 -10.60 -6.61
CA LYS C 88 -14.84 -10.55 -6.22
C LYS C 88 -14.70 -11.13 -4.82
N GLY C 89 -13.61 -11.81 -4.52
CA GLY C 89 -13.40 -12.27 -3.15
C GLY C 89 -12.69 -11.23 -2.31
N LEU C 90 -12.92 -11.26 -0.99
CA LEU C 90 -12.28 -10.32 -0.07
C LEU C 90 -11.68 -11.06 1.12
N ARG C 91 -10.44 -10.72 1.46
CA ARG C 91 -9.77 -11.31 2.62
C ARG C 91 -9.83 -10.42 3.85
N THR C 92 -9.60 -9.13 3.65
CA THR C 92 -9.38 -8.21 4.76
C THR C 92 -10.18 -6.93 4.65
N GLY C 93 -10.30 -6.21 5.76
CA GLY C 93 -10.86 -4.87 5.75
C GLY C 93 -10.09 -3.94 4.81
N THR C 94 -8.79 -4.19 4.68
CA THR C 94 -7.95 -3.40 3.76
C THR C 94 -8.27 -3.70 2.29
N ASP C 95 -8.44 -4.98 1.98
CA ASP C 95 -9.00 -5.42 0.71
C ASP C 95 -10.30 -4.67 0.42
N PHE C 96 -11.19 -4.64 1.41
CA PHE C 96 -12.49 -4.06 1.21
C PHE C 96 -12.40 -2.58 0.85
N GLU C 97 -11.55 -1.84 1.56
CA GLU C 97 -11.47 -0.40 1.33
C GLU C 97 -10.92 -0.06 -0.05
N TYR C 98 -9.94 -0.83 -0.53
CA TYR C 98 -9.43 -0.62 -1.89
C TYR C 98 -10.52 -0.94 -2.92
N GLU C 99 -11.13 -2.10 -2.76
CA GLU C 99 -12.18 -2.53 -3.67
C GLU C 99 -13.43 -1.68 -3.60
N LEU C 100 -13.72 -1.09 -2.44
CA LEU C 100 -14.87 -0.22 -2.29
C LEU C 100 -14.79 0.97 -3.24
N GLN C 101 -13.61 1.58 -3.33
CA GLN C 101 -13.40 2.72 -4.21
C GLN C 101 -13.68 2.33 -5.67
N MET C 102 -13.14 1.20 -6.07
CA MET C 102 -13.33 0.69 -7.43
C MET C 102 -14.77 0.38 -7.71
N ALA C 103 -15.44 -0.23 -6.74
CA ALA C 103 -16.84 -0.63 -6.92
C ALA C 103 -17.73 0.60 -7.08
N GLN C 104 -17.50 1.62 -6.27
CA GLN C 104 -18.30 2.83 -6.39
C GLN C 104 -18.03 3.58 -7.68
N MET C 105 -16.77 3.61 -8.12
CA MET C 105 -16.45 4.22 -9.41
C MET C 105 -17.15 3.46 -10.52
N ASN C 106 -17.07 2.14 -10.49
CA ASN C 106 -17.67 1.32 -11.53
C ASN C 106 -19.18 1.47 -11.59
N LYS C 107 -19.82 1.61 -10.44
CA LYS C 107 -21.25 1.84 -10.40
C LYS C 107 -21.59 3.22 -10.98
N HIS C 108 -20.77 4.19 -10.64
CA HIS C 108 -20.95 5.57 -11.11
C HIS C 108 -20.84 5.69 -12.63
N ILE C 109 -19.81 5.09 -13.22
CA ILE C 109 -19.58 5.34 -14.64
C ILE C 109 -20.43 4.45 -15.55
N ALA C 110 -20.97 3.36 -15.01
CA ALA C 110 -21.57 2.37 -15.92
C ALA C 110 -22.73 1.59 -15.33
N GLY C 111 -23.09 1.90 -14.10
CA GLY C 111 -24.21 1.24 -13.45
C GLY C 111 -23.95 -0.22 -13.16
N VAL C 112 -22.68 -0.63 -13.20
CA VAL C 112 -22.32 -2.02 -12.91
C VAL C 112 -22.15 -2.22 -11.41
N ASP C 113 -22.81 -3.24 -10.86
CA ASP C 113 -22.71 -3.49 -9.43
C ASP C 113 -21.60 -4.47 -9.11
N THR C 114 -21.19 -4.50 -7.84
CA THR C 114 -20.13 -5.42 -7.43
C THR C 114 -20.57 -6.15 -6.16
N PHE C 115 -20.48 -7.47 -6.19
CA PHE C 115 -20.77 -8.31 -5.02
C PHE C 115 -19.50 -8.94 -4.54
N PHE C 116 -19.23 -8.76 -3.25
CA PHE C 116 -18.04 -9.32 -2.64
C PHE C 116 -18.37 -10.55 -1.83
N VAL C 117 -17.46 -11.50 -1.85
CA VAL C 117 -17.67 -12.71 -1.07
C VAL C 117 -16.46 -12.91 -0.14
N ALA C 118 -16.71 -13.31 1.11
CA ALA C 118 -15.63 -13.49 2.06
C ALA C 118 -14.83 -14.76 1.77
N THR C 119 -13.50 -14.63 1.86
N THR C 119 -13.51 -14.64 1.85
CA THR C 119 -12.60 -15.76 1.67
CA THR C 119 -12.61 -15.76 1.62
C THR C 119 -12.97 -16.93 2.56
C THR C 119 -12.93 -16.93 2.55
N ALA C 120 -12.73 -18.14 2.07
CA ALA C 120 -12.80 -19.31 2.94
C ALA C 120 -11.68 -19.12 3.95
N PRO C 121 -11.93 -19.46 5.21
CA PRO C 121 -10.91 -19.29 6.25
C PRO C 121 -9.58 -19.96 5.88
N ALA C 122 -9.66 -21.15 5.28
CA ALA C 122 -8.46 -21.92 4.98
C ALA C 122 -7.50 -21.23 4.00
N TYR C 123 -8.02 -20.32 3.16
CA TYR C 123 -7.20 -19.69 2.14
C TYR C 123 -6.99 -18.20 2.40
N SER C 124 -7.23 -17.76 3.62
CA SER C 124 -7.18 -16.34 3.92
C SER C 124 -5.79 -15.73 3.65
N PHE C 125 -4.75 -16.56 3.74
CA PHE C 125 -3.39 -16.07 3.60
C PHE C 125 -2.81 -16.35 2.21
N VAL C 126 -3.57 -16.93 1.30
CA VAL C 126 -3.00 -17.29 0.01
CA VAL C 126 -3.01 -17.30 0.01
C VAL C 126 -3.25 -16.18 -1.01
N SER C 127 -2.23 -15.89 -1.81
CA SER C 127 -2.33 -14.94 -2.90
C SER C 127 -1.40 -15.47 -3.98
N SER C 128 -1.65 -15.13 -5.24
CA SER C 128 -0.77 -15.57 -6.32
C SER C 128 0.66 -15.14 -6.04
N SER C 129 0.83 -13.89 -5.62
CA SER C 129 2.17 -13.34 -5.43
CA SER C 129 2.17 -13.33 -5.44
C SER C 129 2.95 -14.03 -4.33
N LEU C 130 2.29 -14.28 -3.19
CA LEU C 130 2.97 -14.94 -2.09
C LEU C 130 3.28 -16.40 -2.42
N ALA C 131 2.37 -17.06 -3.13
CA ALA C 131 2.59 -18.45 -3.52
C ALA C 131 3.81 -18.57 -4.44
N LYS C 132 3.93 -17.64 -5.38
CA LYS C 132 5.06 -17.63 -6.32
C LYS C 132 6.38 -17.37 -5.60
N GLU C 133 6.37 -16.38 -4.72
CA GLU C 133 7.54 -16.05 -3.92
C GLU C 133 8.02 -17.23 -3.06
N VAL C 134 7.11 -17.86 -2.34
CA VAL C 134 7.49 -19.01 -1.52
C VAL C 134 8.02 -20.16 -2.38
N ALA C 135 7.34 -20.46 -3.49
CA ALA C 135 7.73 -21.57 -4.36
C ALA C 135 9.12 -21.34 -4.96
N THR C 136 9.38 -20.09 -5.29
CA THR C 136 10.67 -19.66 -5.83
C THR C 136 11.81 -20.00 -4.89
N TYR C 137 11.61 -19.80 -3.59
CA TYR C 137 12.66 -20.11 -2.62
C TYR C 137 12.54 -21.50 -2.04
N GLY C 138 11.75 -22.35 -2.68
CA GLY C 138 11.71 -23.75 -2.32
C GLY C 138 10.63 -24.25 -1.37
N GLY C 139 9.72 -23.37 -0.94
CA GLY C 139 8.67 -23.77 -0.02
C GLY C 139 7.55 -24.53 -0.70
N ASP C 140 6.89 -25.42 0.05
CA ASP C 140 5.84 -26.27 -0.49
C ASP C 140 4.46 -25.59 -0.53
N VAL C 141 4.01 -25.18 -1.71
CA VAL C 141 2.70 -24.54 -1.86
C VAL C 141 1.63 -25.43 -2.50
N SER C 142 1.88 -26.74 -2.54
CA SER C 142 1.00 -27.65 -3.27
C SER C 142 -0.41 -27.72 -2.67
N ALA C 143 -0.52 -27.44 -1.38
CA ALA C 143 -1.83 -27.46 -0.73
C ALA C 143 -2.64 -26.19 -1.01
N LEU C 144 -2.04 -25.23 -1.72
CA LEU C 144 -2.66 -23.91 -1.94
C LEU C 144 -3.08 -23.67 -3.39
N LEU C 145 -2.71 -24.58 -4.28
CA LEU C 145 -2.94 -24.43 -5.72
C LEU C 145 -3.62 -25.66 -6.31
N PRO C 146 -4.37 -25.47 -7.40
CA PRO C 146 -4.89 -26.65 -8.13
C PRO C 146 -3.75 -27.56 -8.56
N ALA C 147 -3.98 -28.88 -8.59
CA ALA C 147 -2.92 -29.85 -8.93
C ALA C 147 -2.26 -29.50 -10.25
N SER C 148 -3.08 -29.20 -11.25
CA SER C 148 -2.64 -28.69 -12.54
C SER C 148 -1.62 -27.58 -12.41
N VAL C 149 -2.09 -26.46 -11.86
CA VAL C 149 -1.30 -25.26 -11.66
C VAL C 149 0.05 -25.56 -10.99
N HIS C 150 0.02 -26.35 -9.91
CA HIS C 150 1.25 -26.62 -9.15
C HIS C 150 2.32 -27.21 -10.03
N GLN C 151 1.98 -28.24 -10.78
CA GLN C 151 2.96 -28.81 -11.69
C GLN C 151 3.45 -27.79 -12.71
N ARG C 152 2.54 -26.97 -13.23
CA ARG C 152 2.89 -25.94 -14.21
CA ARG C 152 2.91 -25.96 -14.22
C ARG C 152 3.85 -24.90 -13.63
N LEU C 153 3.66 -24.58 -12.36
CA LEU C 153 4.52 -23.62 -11.68
C LEU C 153 5.94 -24.17 -11.48
N LEU C 154 6.04 -25.44 -11.09
CA LEU C 154 7.34 -26.08 -10.95
C LEU C 154 8.13 -25.99 -12.25
N GLY C 155 7.44 -26.24 -13.37
CA GLY C 155 8.04 -26.12 -14.68
C GLY C 155 8.60 -24.76 -14.98
N LYS C 156 7.88 -23.70 -14.61
CA LYS C 156 8.31 -22.33 -14.88
C LYS C 156 9.55 -21.96 -14.07
N LEU C 157 9.69 -22.58 -12.91
CA LEU C 157 10.78 -22.25 -12.01
C LEU C 157 12.04 -23.02 -12.39
N ARG C 158 11.87 -24.25 -12.86
CA ARG C 158 12.99 -25.07 -13.28
C ARG C 158 13.29 -24.89 -14.77
#